data_4DV8
#
_entry.id   4DV8
#
_cell.length_a   57.090
_cell.length_b   74.253
_cell.length_c   139.530
_cell.angle_alpha   90.00
_cell.angle_beta   90.00
_cell.angle_gamma   90.00
#
_symmetry.space_group_name_H-M   'P 21 21 21'
#
loop_
_entity.id
_entity.type
_entity.pdbx_description
1 polymer 'Lethal factor'
2 non-polymer 'ZINC ION'
3 non-polymer (2S)-6-[(4-fluorobenzyl)amino]-2-[(2R)-2-(4-fluorophenyl)-2-methoxyethyl]-N-hydroxyhexanamide
4 non-polymer 'MALONATE ION'
5 water water
#
_entity_poly.entity_id   1
_entity_poly.type   'polypeptide(L)'
_entity_poly.pdbx_seq_one_letter_code
;MRGSHHHHHHGSRMLSRYEKWEKIKQHYQHWSDSLSEEGRGLLKKLQIPIEPKKDDIIHSLSQEEKELLKRIQIDSSDFL
STEEKEFLKKLQIDIRDSLSEEEKELLNRIQVDSSNPLSEKEKEFLKKLKLDIQPYDINQRLQDTGGLIDSPSINLDVRK
QYKRDIQNIDALLHQSIGSTLYNKIYLYENMNINNLTATLGADLVDSTDNTKINRGIFNEFKKNFKYSISSNYMIVDINE
RPALDNERLKWRIQLSPDTRAGYLENGKLILQRNIGLEIKDVQIIKQSEKEYIRIDAKVVPKSKIDTKIQEAQLNINQEW
NKALGLPKYTKLITFNVHNRYASNIVESAYLILNEWKNNIQSDLIKKVTNYLVDGNGRFVFTDITLPNIAEQYTHQDEIY
EQVHSKGLYVPESRSILLHGPSKGVELRNDSEGFIHEFGHAVDDYAGYLLDKNQSDLVTNSKKFIDIFKEEGSNLTSYGR
TNEAEFFAEAFRLMHSTDHAERLKVQKNAPKTFQFINDQIKFIINS
;
_entity_poly.pdbx_strand_id   A
#
loop_
_chem_comp.id
_chem_comp.type
_chem_comp.name
_chem_comp.formula
0LX non-polymer (2S)-6-[(4-fluorobenzyl)amino]-2-[(2R)-2-(4-fluorophenyl)-2-methoxyethyl]-N-hydroxyhexanamide 'C22 H28 F2 N2 O3'
MLI non-polymer 'MALONATE ION' 'C3 H2 O4 -2'
ZN non-polymer 'ZINC ION' 'Zn 2'
#
# COMPACT_ATOMS: atom_id res chain seq x y z
N LEU A 15 16.12 6.21 32.55
CA LEU A 15 17.16 6.48 33.54
C LEU A 15 18.07 7.59 33.02
N SER A 16 19.35 7.53 33.40
CA SER A 16 20.35 8.21 32.60
C SER A 16 20.28 7.47 31.27
N ARG A 17 20.45 8.18 30.16
CA ARG A 17 20.40 7.53 28.85
C ARG A 17 21.39 6.37 28.73
N TYR A 18 22.59 6.56 29.28
CA TYR A 18 23.63 5.55 29.15
C TYR A 18 23.46 4.45 30.22
N GLU A 19 22.89 4.81 31.36
CA GLU A 19 22.59 3.82 32.39
C GLU A 19 21.50 2.86 31.89
N LYS A 20 20.50 3.42 31.21
CA LYS A 20 19.46 2.61 30.60
C LYS A 20 20.07 1.68 29.55
N TRP A 21 20.90 2.23 28.67
CA TRP A 21 21.59 1.42 27.66
C TRP A 21 22.39 0.31 28.33
N GLU A 22 23.23 0.65 29.30
CA GLU A 22 24.02 -0.41 29.90
C GLU A 22 23.17 -1.45 30.67
N LYS A 23 22.06 -1.01 31.27
CA LYS A 23 21.17 -1.96 31.95
C LYS A 23 20.48 -2.94 30.99
N ILE A 24 20.03 -2.44 29.85
CA ILE A 24 19.42 -3.31 28.86
C ILE A 24 20.43 -4.24 28.21
N LYS A 25 21.61 -3.73 27.90
CA LYS A 25 22.66 -4.55 27.34
C LYS A 25 23.02 -5.67 28.33
N GLN A 26 23.06 -5.36 29.62
CA GLN A 26 23.36 -6.38 30.64
C GLN A 26 22.31 -7.49 30.69
N HIS A 27 21.03 -7.07 30.63
CA HIS A 27 19.89 -7.98 30.66
C HIS A 27 20.02 -9.01 29.54
N TYR A 28 20.48 -8.55 28.38
CA TYR A 28 20.64 -9.41 27.21
C TYR A 28 22.07 -9.90 26.94
N GLN A 29 23.00 -9.71 27.88
CA GLN A 29 24.41 -10.01 27.60
C GLN A 29 24.68 -11.50 27.36
N HIS A 30 24.09 -12.36 28.19
CA HIS A 30 24.26 -13.79 28.00
C HIS A 30 23.67 -14.21 26.65
N TRP A 31 22.48 -13.71 26.36
CA TRP A 31 21.84 -13.96 25.08
C TRP A 31 22.76 -13.58 23.93
N SER A 32 23.34 -12.39 24.01
CA SER A 32 24.21 -11.87 22.96
CA SER A 32 24.20 -11.87 22.97
C SER A 32 25.46 -12.72 22.82
N ASP A 33 26.08 -13.04 23.95
CA ASP A 33 27.28 -13.85 23.94
C ASP A 33 27.02 -15.27 23.44
N SER A 34 25.77 -15.71 23.55
CA SER A 34 25.40 -17.08 23.21
C SER A 34 24.99 -17.30 21.75
N LEU A 35 24.80 -16.21 21.02
CA LEU A 35 24.43 -16.32 19.61
C LEU A 35 25.47 -17.10 18.80
N SER A 36 24.98 -18.05 18.01
CA SER A 36 25.83 -18.80 17.08
C SER A 36 26.15 -17.92 15.89
N GLU A 37 27.11 -18.36 15.07
CA GLU A 37 27.48 -17.63 13.88
C GLU A 37 26.27 -17.53 12.95
N GLU A 38 25.50 -18.60 12.88
CA GLU A 38 24.25 -18.64 12.13
C GLU A 38 23.30 -17.56 12.62
N GLY A 39 23.18 -17.43 13.94
CA GLY A 39 22.27 -16.48 14.55
C GLY A 39 22.65 -15.04 14.27
N ARG A 40 23.93 -14.74 14.41
CA ARG A 40 24.44 -13.40 14.14
C ARG A 40 24.24 -13.03 12.67
N GLY A 41 24.43 -14.02 11.80
CA GLY A 41 24.26 -13.81 10.37
C GLY A 41 22.83 -13.47 10.01
N LEU A 42 21.87 -14.13 10.64
CA LEU A 42 20.46 -13.86 10.40
C LEU A 42 20.11 -12.43 10.81
N LEU A 43 20.59 -12.04 11.99
CA LEU A 43 20.27 -10.71 12.50
C LEU A 43 20.91 -9.63 11.63
N LYS A 44 22.08 -9.93 11.07
CA LYS A 44 22.77 -9.00 10.17
C LYS A 44 21.95 -8.80 8.88
N LYS A 45 21.57 -9.93 8.26
CA LYS A 45 20.68 -9.97 7.09
C LYS A 45 19.38 -9.19 7.29
N LEU A 46 18.81 -9.32 8.48
CA LEU A 46 17.55 -8.71 8.77
C LEU A 46 17.72 -7.20 8.80
N GLN A 47 18.79 -6.74 9.46
CA GLN A 47 19.07 -5.31 9.57
C GLN A 47 19.47 -4.70 8.23
N ILE A 48 20.27 -5.44 7.47
CA ILE A 48 20.81 -4.96 6.20
C ILE A 48 20.62 -5.98 5.06
N PRO A 49 19.51 -5.84 4.32
CA PRO A 49 19.11 -6.78 3.26
C PRO A 49 20.13 -6.83 2.14
N ILE A 50 20.22 -7.96 1.44
CA ILE A 50 21.12 -8.07 0.29
C ILE A 50 20.40 -7.67 -1.00
N GLU A 51 20.98 -6.72 -1.71
CA GLU A 51 20.43 -6.21 -2.96
C GLU A 51 20.77 -7.13 -4.13
N PRO A 52 19.89 -7.17 -5.15
CA PRO A 52 20.18 -7.97 -6.36
C PRO A 52 21.40 -7.40 -7.06
N LYS A 53 22.13 -8.21 -7.83
CA LYS A 53 23.33 -7.75 -8.51
C LYS A 53 23.01 -7.05 -9.83
N LYS A 54 23.18 -5.72 -9.88
CA LYS A 54 22.86 -4.94 -11.08
C LYS A 54 23.65 -5.39 -12.31
N ASP A 55 24.94 -5.66 -12.12
CA ASP A 55 25.81 -6.12 -13.20
C ASP A 55 25.29 -7.41 -13.83
N ASP A 56 24.90 -8.36 -12.99
CA ASP A 56 24.40 -9.65 -13.46
C ASP A 56 23.04 -9.52 -14.13
N ILE A 57 22.17 -8.66 -13.60
CA ILE A 57 20.86 -8.40 -14.22
C ILE A 57 21.08 -7.88 -15.64
N ILE A 58 21.93 -6.86 -15.77
CA ILE A 58 22.15 -6.23 -17.06
C ILE A 58 22.78 -7.22 -18.04
N HIS A 59 23.71 -8.03 -17.55
CA HIS A 59 24.38 -8.98 -18.41
C HIS A 59 23.42 -10.03 -18.97
N SER A 60 22.35 -10.30 -18.22
CA SER A 60 21.38 -11.33 -18.61
C SER A 60 20.43 -10.84 -19.70
N LEU A 61 20.46 -9.54 -19.99
CA LEU A 61 19.53 -8.97 -20.97
C LEU A 61 20.05 -9.11 -22.39
N SER A 62 19.13 -9.25 -23.35
CA SER A 62 19.53 -9.22 -24.74
C SER A 62 19.84 -7.77 -25.12
N GLN A 63 20.49 -7.57 -26.25
CA GLN A 63 20.83 -6.21 -26.68
C GLN A 63 19.57 -5.37 -26.89
N GLU A 64 18.53 -5.99 -27.44
CA GLU A 64 17.29 -5.29 -27.69
C GLU A 64 16.64 -4.90 -26.36
N GLU A 65 16.69 -5.81 -25.40
CA GLU A 65 16.18 -5.54 -24.07
C GLU A 65 16.95 -4.41 -23.39
N LYS A 66 18.27 -4.37 -23.58
CA LYS A 66 19.07 -3.27 -23.06
C LYS A 66 18.63 -1.92 -23.65
N GLU A 67 18.41 -1.90 -24.97
CA GLU A 67 17.99 -0.67 -25.66
C GLU A 67 16.61 -0.25 -25.19
N LEU A 68 15.75 -1.24 -24.98
CA LEU A 68 14.40 -1.01 -24.50
C LEU A 68 14.46 -0.38 -23.11
N LEU A 69 15.31 -0.95 -22.25
CA LEU A 69 15.43 -0.47 -20.88
C LEU A 69 16.02 0.94 -20.79
N LYS A 70 16.87 1.30 -21.75
CA LYS A 70 17.46 2.63 -21.82
C LYS A 70 16.43 3.75 -21.89
N ARG A 71 15.39 3.51 -22.68
CA ARG A 71 14.49 4.58 -23.07
C ARG A 71 13.13 4.48 -22.38
N ILE A 72 12.98 3.50 -21.51
CA ILE A 72 11.70 3.31 -20.84
C ILE A 72 11.42 4.40 -19.81
N GLN A 73 10.20 4.92 -19.82
CA GLN A 73 9.75 5.85 -18.80
C GLN A 73 9.20 5.07 -17.60
N ILE A 74 10.10 4.71 -16.67
CA ILE A 74 9.72 3.85 -15.54
C ILE A 74 8.55 4.38 -14.72
N ASP A 75 8.48 5.69 -14.52
CA ASP A 75 7.43 6.30 -13.71
C ASP A 75 6.07 6.34 -14.43
N SER A 76 6.04 5.85 -15.66
CA SER A 76 4.80 5.73 -16.41
C SER A 76 4.14 4.35 -16.24
N SER A 77 4.89 3.40 -15.70
CA SER A 77 4.35 2.07 -15.39
C SER A 77 3.28 2.17 -14.31
N ASP A 78 2.28 1.29 -14.35
CA ASP A 78 1.17 1.38 -13.41
C ASP A 78 1.10 0.18 -12.45
N PHE A 79 2.11 -0.69 -12.48
CA PHE A 79 2.03 -1.97 -11.77
C PHE A 79 3.18 -2.29 -10.83
N LEU A 80 4.17 -1.41 -10.78
CA LEU A 80 5.37 -1.66 -9.98
C LEU A 80 5.26 -1.07 -8.59
N SER A 81 5.88 -1.72 -7.61
CA SER A 81 5.99 -1.12 -6.29
C SER A 81 7.01 0.02 -6.33
N THR A 82 7.01 0.86 -5.30
CA THR A 82 7.98 1.96 -5.22
C THR A 82 9.39 1.40 -5.23
N GLU A 83 9.59 0.32 -4.50
CA GLU A 83 10.89 -0.34 -4.40
C GLU A 83 11.34 -0.89 -5.76
N GLU A 84 10.43 -1.53 -6.48
CA GLU A 84 10.74 -2.03 -7.81
C GLU A 84 11.11 -0.90 -8.75
N LYS A 85 10.35 0.20 -8.70
CA LYS A 85 10.62 1.35 -9.55
C LYS A 85 11.99 1.97 -9.27
N GLU A 86 12.30 2.20 -8.01
CA GLU A 86 13.57 2.82 -7.64
C GLU A 86 14.76 1.95 -8.06
N PHE A 87 14.64 0.64 -7.92
CA PHE A 87 15.69 -0.26 -8.39
C PHE A 87 15.86 -0.19 -9.90
N LEU A 88 14.75 -0.24 -10.64
CA LEU A 88 14.83 -0.20 -12.09
C LEU A 88 15.46 1.11 -12.57
N LYS A 89 15.23 2.17 -11.82
CA LYS A 89 15.84 3.47 -12.13
C LYS A 89 17.35 3.41 -11.98
N LYS A 90 17.82 2.76 -10.92
CA LYS A 90 19.26 2.62 -10.70
C LYS A 90 19.88 1.76 -11.79
N LEU A 91 19.19 0.67 -12.12
CA LEU A 91 19.55 -0.18 -13.26
C LEU A 91 19.65 0.64 -14.54
N GLN A 92 18.67 1.50 -14.77
CA GLN A 92 18.62 2.29 -16.00
C GLN A 92 19.77 3.27 -16.12
N ILE A 93 20.21 3.83 -15.00
CA ILE A 93 21.37 4.72 -14.97
C ILE A 93 22.60 4.02 -15.57
N ASP A 94 22.81 2.77 -15.16
CA ASP A 94 23.96 2.00 -15.62
C ASP A 94 23.94 1.71 -17.12
N ILE A 95 22.78 1.30 -17.64
CA ILE A 95 22.69 1.00 -19.06
C ILE A 95 22.88 2.26 -19.92
N ARG A 96 22.42 3.40 -19.41
CA ARG A 96 22.53 4.67 -20.14
C ARG A 96 23.94 5.24 -20.14
N ASP A 97 24.76 4.79 -19.20
CA ASP A 97 26.05 5.45 -18.95
C ASP A 97 27.10 5.26 -20.05
N SER A 98 26.84 4.37 -21.00
CA SER A 98 27.73 4.23 -22.14
C SER A 98 27.47 5.36 -23.14
N LEU A 99 26.26 5.92 -23.09
CA LEU A 99 25.82 6.94 -24.04
C LEU A 99 26.51 8.29 -23.84
N SER A 100 25.82 9.35 -24.24
CA SER A 100 26.42 10.69 -24.18
C SER A 100 25.45 11.73 -23.67
N GLU A 101 26.00 12.89 -23.32
CA GLU A 101 25.26 13.93 -22.60
C GLU A 101 23.94 14.39 -23.25
N GLU A 102 23.96 14.73 -24.53
CA GLU A 102 22.71 15.09 -25.21
C GLU A 102 21.67 13.97 -25.12
N GLU A 103 22.03 12.78 -25.59
CA GLU A 103 21.21 11.58 -25.38
C GLU A 103 20.81 11.51 -23.93
N LYS A 104 21.81 11.54 -23.04
CA LYS A 104 21.57 11.53 -21.61
C LYS A 104 20.68 12.67 -21.16
N GLU A 105 20.92 13.89 -21.65
CA GLU A 105 20.10 15.04 -21.28
C GLU A 105 18.71 15.02 -21.93
N LEU A 106 18.64 14.47 -23.14
CA LEU A 106 17.38 14.39 -23.88
C LEU A 106 16.41 13.35 -23.30
N LEU A 107 16.86 12.10 -23.21
CA LEU A 107 16.06 10.97 -22.73
C LEU A 107 15.68 11.13 -21.27
N ASN A 108 15.33 12.34 -20.87
CA ASN A 108 15.60 12.73 -19.51
C ASN A 108 14.99 14.08 -19.19
N ARG A 109 14.25 14.64 -20.15
CA ARG A 109 13.47 15.83 -19.89
C ARG A 109 12.25 16.00 -20.79
N ILE A 110 12.05 15.06 -21.71
CA ILE A 110 10.74 14.93 -22.32
C ILE A 110 9.99 13.84 -21.58
N GLN A 111 10.17 13.79 -20.26
CA GLN A 111 9.21 13.13 -19.41
C GLN A 111 8.44 14.25 -18.71
N VAL A 112 8.17 15.27 -19.52
CA VAL A 112 7.29 16.37 -19.16
C VAL A 112 5.85 15.96 -19.48
N ASP A 113 5.24 16.65 -20.44
CA ASP A 113 3.94 16.28 -20.99
C ASP A 113 3.94 14.82 -21.46
N SER A 114 5.06 14.37 -22.01
CA SER A 114 5.25 12.95 -22.22
C SER A 114 5.28 12.28 -20.86
N SER A 115 4.37 11.36 -20.70
CA SER A 115 3.97 10.80 -19.44
C SER A 115 2.94 9.87 -20.02
N ASN A 116 3.29 9.39 -21.21
CA ASN A 116 2.48 8.46 -21.98
C ASN A 116 2.48 7.10 -21.32
N PRO A 117 1.38 6.36 -21.46
CA PRO A 117 1.33 4.95 -21.09
C PRO A 117 2.44 4.17 -21.81
N LEU A 118 2.97 3.15 -21.16
CA LEU A 118 4.00 2.32 -21.76
C LEU A 118 3.41 1.55 -22.93
N SER A 119 4.26 1.22 -23.91
CA SER A 119 3.84 0.38 -25.04
C SER A 119 3.65 -1.03 -24.52
N GLU A 120 2.96 -1.87 -25.27
CA GLU A 120 2.79 -3.25 -24.86
C GLU A 120 4.15 -3.94 -24.72
N LYS A 121 5.08 -3.62 -25.61
CA LYS A 121 6.42 -4.22 -25.55
C LYS A 121 7.17 -3.83 -24.30
N GLU A 122 7.08 -2.57 -23.93
CA GLU A 122 7.70 -2.09 -22.68
C GLU A 122 7.07 -2.75 -21.47
N LYS A 123 5.74 -2.86 -21.49
CA LYS A 123 4.99 -3.47 -20.40
C LYS A 123 5.39 -4.92 -20.17
N GLU A 124 5.36 -5.73 -21.23
CA GLU A 124 5.65 -7.16 -21.09
C GLU A 124 7.07 -7.41 -20.60
N PHE A 125 8.01 -6.60 -21.08
CA PHE A 125 9.40 -6.70 -20.64
C PHE A 125 9.52 -6.37 -19.16
N LEU A 126 8.97 -5.24 -18.73
CA LEU A 126 9.07 -4.84 -17.33
C LEU A 126 8.36 -5.82 -16.41
N LYS A 127 7.23 -6.37 -16.87
CA LYS A 127 6.49 -7.29 -16.03
C LYS A 127 7.30 -8.56 -15.69
N LYS A 128 8.07 -9.06 -16.65
CA LYS A 128 8.96 -10.20 -16.35
C LYS A 128 10.24 -9.79 -15.62
N LEU A 129 10.81 -8.65 -16.00
CA LEU A 129 12.01 -8.14 -15.35
C LEU A 129 11.86 -7.94 -13.83
N LYS A 130 10.67 -7.53 -13.38
CA LYS A 130 10.47 -7.31 -11.96
C LYS A 130 10.70 -8.58 -11.12
N LEU A 131 10.61 -9.75 -11.75
CA LEU A 131 10.85 -11.01 -11.02
C LEU A 131 12.31 -11.11 -10.57
N ASP A 132 13.19 -10.38 -11.25
CA ASP A 132 14.63 -10.54 -11.07
C ASP A 132 15.25 -9.45 -10.22
N ILE A 133 14.44 -8.51 -9.76
CA ILE A 133 14.94 -7.36 -9.01
C ILE A 133 14.57 -7.34 -7.52
N GLN A 134 14.14 -8.48 -6.98
CA GLN A 134 13.72 -8.51 -5.58
C GLN A 134 14.92 -8.69 -4.64
N PRO A 135 15.12 -7.75 -3.71
CA PRO A 135 16.17 -7.96 -2.71
C PRO A 135 15.70 -9.02 -1.73
N TYR A 136 16.62 -9.66 -1.03
CA TYR A 136 16.22 -10.57 0.04
C TYR A 136 16.10 -9.77 1.32
N ASP A 137 14.86 -9.44 1.68
CA ASP A 137 14.58 -8.47 2.73
C ASP A 137 13.50 -9.03 3.64
N ILE A 138 13.91 -9.63 4.75
CA ILE A 138 12.99 -10.32 5.65
C ILE A 138 11.93 -9.39 6.24
N ASN A 139 12.37 -8.22 6.70
CA ASN A 139 11.43 -7.27 7.28
C ASN A 139 10.44 -6.73 6.25
N GLN A 140 10.92 -6.50 5.02
CA GLN A 140 9.99 -6.02 3.98
C GLN A 140 9.01 -7.10 3.57
N ARG A 141 9.48 -8.34 3.52
CA ARG A 141 8.62 -9.46 3.19
C ARG A 141 7.48 -9.61 4.22
N LEU A 142 7.81 -9.50 5.50
CA LEU A 142 6.79 -9.55 6.56
C LEU A 142 5.81 -8.39 6.49
N GLN A 143 6.31 -7.18 6.21
CA GLN A 143 5.39 -6.04 6.09
C GLN A 143 4.49 -6.14 4.85
N ASP A 144 5.08 -6.47 3.69
CA ASP A 144 4.30 -6.55 2.46
C ASP A 144 3.21 -7.61 2.54
N THR A 145 3.48 -8.70 3.24
CA THR A 145 2.51 -9.79 3.33
C THR A 145 1.66 -9.74 4.59
N GLY A 146 1.94 -8.79 5.48
CA GLY A 146 1.31 -8.79 6.79
C GLY A 146 1.49 -10.10 7.55
N GLY A 147 2.64 -10.75 7.34
CA GLY A 147 2.94 -12.01 8.01
C GLY A 147 2.41 -13.23 7.26
N LEU A 148 1.63 -13.00 6.21
CA LEU A 148 1.11 -14.09 5.38
C LEU A 148 2.20 -14.53 4.41
N ILE A 149 3.25 -15.15 4.94
CA ILE A 149 4.46 -15.40 4.18
C ILE A 149 4.36 -16.52 3.14
N ASP A 150 3.25 -17.28 3.16
CA ASP A 150 3.03 -18.28 2.12
C ASP A 150 2.38 -17.67 0.87
N SER A 151 2.06 -16.39 0.89
CA SER A 151 1.43 -15.75 -0.27
C SER A 151 2.29 -15.90 -1.52
N PRO A 152 1.70 -16.36 -2.64
CA PRO A 152 2.50 -16.73 -3.82
C PRO A 152 2.83 -15.55 -4.74
N SER A 153 3.51 -14.55 -4.17
CA SER A 153 3.85 -13.32 -4.87
C SER A 153 5.36 -13.23 -5.14
N ILE A 154 6.11 -14.25 -4.73
CA ILE A 154 7.54 -14.34 -5.06
C ILE A 154 7.86 -15.81 -5.35
N ASN A 155 9.04 -16.05 -5.92
CA ASN A 155 9.53 -17.39 -6.23
C ASN A 155 9.40 -18.33 -5.02
N LEU A 156 8.96 -19.57 -5.27
CA LEU A 156 8.73 -20.55 -4.20
C LEU A 156 9.97 -20.86 -3.39
N ASP A 157 11.11 -20.97 -4.05
CA ASP A 157 12.31 -21.35 -3.33
C ASP A 157 12.74 -20.21 -2.40
N VAL A 158 12.55 -18.98 -2.85
CA VAL A 158 12.84 -17.84 -1.99
C VAL A 158 11.84 -17.78 -0.83
N ARG A 159 10.58 -18.08 -1.12
CA ARG A 159 9.53 -18.11 -0.12
C ARG A 159 9.92 -19.06 1.01
N LYS A 160 10.47 -20.21 0.64
CA LYS A 160 10.84 -21.21 1.63
C LYS A 160 12.00 -20.75 2.49
N GLN A 161 12.95 -20.03 1.88
CA GLN A 161 14.09 -19.53 2.64
C GLN A 161 13.62 -18.48 3.64
N TYR A 162 12.70 -17.61 3.22
CA TYR A 162 12.13 -16.62 4.13
C TYR A 162 11.50 -17.30 5.34
N LYS A 163 10.74 -18.35 5.09
CA LYS A 163 10.09 -19.05 6.19
C LYS A 163 11.11 -19.66 7.16
N ARG A 164 12.12 -20.33 6.64
CA ARG A 164 13.17 -20.89 7.49
C ARG A 164 13.84 -19.79 8.31
N ASP A 165 14.17 -18.67 7.67
CA ASP A 165 14.88 -17.59 8.37
C ASP A 165 14.01 -16.97 9.47
N ILE A 166 12.74 -16.76 9.14
CA ILE A 166 11.80 -16.14 10.07
C ILE A 166 11.54 -17.07 11.27
N GLN A 167 11.40 -18.37 11.01
CA GLN A 167 11.26 -19.33 12.11
C GLN A 167 12.48 -19.30 13.01
N ASN A 168 13.66 -19.19 12.41
CA ASN A 168 14.89 -19.17 13.18
C ASN A 168 15.05 -17.88 13.98
N ILE A 169 14.65 -16.76 13.41
CA ILE A 169 14.72 -15.48 14.13
C ILE A 169 13.75 -15.50 15.29
N ASP A 170 12.54 -16.02 15.05
CA ASP A 170 11.55 -16.15 16.11
C ASP A 170 12.15 -16.92 17.29
N ALA A 171 12.89 -17.97 16.98
CA ALA A 171 13.47 -18.82 18.01
C ALA A 171 14.61 -18.11 18.75
N LEU A 172 15.39 -17.32 18.02
CA LEU A 172 16.43 -16.49 18.63
C LEU A 172 15.84 -15.50 19.63
N LEU A 173 14.72 -14.89 19.28
CA LEU A 173 14.15 -13.83 20.11
C LEU A 173 13.23 -14.43 21.17
N HIS A 174 13.83 -15.12 22.13
CA HIS A 174 13.08 -15.85 23.14
C HIS A 174 13.03 -15.17 24.52
N GLN A 175 13.90 -14.19 24.74
CA GLN A 175 14.03 -13.58 26.06
C GLN A 175 13.21 -12.30 26.20
N SER A 176 12.26 -12.29 27.13
CA SER A 176 11.44 -11.10 27.34
C SER A 176 12.20 -9.96 28.03
N ILE A 177 11.71 -8.73 27.84
CA ILE A 177 12.30 -7.57 28.51
C ILE A 177 12.16 -7.69 30.03
N GLY A 178 11.08 -8.31 30.48
CA GLY A 178 10.95 -8.65 31.88
C GLY A 178 10.19 -7.67 32.76
N SER A 179 9.88 -8.11 33.98
CA SER A 179 9.04 -7.34 34.90
C SER A 179 9.79 -6.20 35.59
N THR A 180 11.12 -6.25 35.57
CA THR A 180 11.93 -5.19 36.18
C THR A 180 12.03 -3.95 35.27
N LEU A 181 12.39 -4.17 34.01
CA LEU A 181 12.70 -3.07 33.11
C LEU A 181 11.52 -2.45 32.37
N TYR A 182 10.46 -3.23 32.17
CA TYR A 182 9.44 -2.80 31.21
C TYR A 182 8.81 -1.45 31.52
N ASN A 183 8.62 -1.15 32.80
CA ASN A 183 8.00 0.13 33.18
C ASN A 183 9.01 1.16 33.65
N LYS A 184 10.28 0.92 33.35
CA LYS A 184 11.34 1.85 33.73
C LYS A 184 12.03 2.44 32.50
N ILE A 185 11.59 2.04 31.31
CA ILE A 185 12.27 2.45 30.09
C ILE A 185 11.30 2.78 28.97
N TYR A 186 11.71 3.70 28.10
N TYR A 186 11.71 3.70 28.10
CA TYR A 186 11.02 3.93 26.84
CA TYR A 186 11.03 3.94 26.85
C TYR A 186 11.95 3.53 25.72
C TYR A 186 11.96 3.53 25.71
N LEU A 187 11.39 3.08 24.61
CA LEU A 187 12.18 2.80 23.41
C LEU A 187 11.66 3.72 22.32
N TYR A 188 12.45 3.93 21.28
CA TYR A 188 12.13 4.96 20.32
C TYR A 188 12.20 4.47 18.89
N GLU A 189 11.40 5.07 18.01
CA GLU A 189 11.49 4.78 16.58
C GLU A 189 11.17 6.02 15.78
N ASN A 190 12.13 6.51 15.00
CA ASN A 190 11.82 7.60 14.07
C ASN A 190 11.19 6.99 12.81
N MET A 191 10.26 7.72 12.21
CA MET A 191 9.53 7.17 11.07
C MET A 191 9.16 8.25 10.07
N ASN A 192 9.28 7.92 8.78
CA ASN A 192 8.78 8.78 7.72
C ASN A 192 7.26 8.62 7.66
N ILE A 193 6.52 9.72 7.70
CA ILE A 193 5.07 9.62 7.66
C ILE A 193 4.60 8.90 6.40
N ASN A 194 5.40 8.99 5.33
CA ASN A 194 5.04 8.34 4.08
C ASN A 194 5.01 6.81 4.17
N ASN A 195 5.58 6.26 5.24
CA ASN A 195 5.51 4.82 5.48
C ASN A 195 4.23 4.37 6.19
N LEU A 196 3.39 5.33 6.59
CA LEU A 196 2.07 5.04 7.14
C LEU A 196 0.97 5.47 6.19
N THR A 197 1.10 6.69 5.67
CA THR A 197 0.12 7.26 4.77
C THR A 197 0.80 8.24 3.81
N ALA A 198 1.01 7.79 2.58
CA ALA A 198 1.56 8.68 1.56
C ALA A 198 0.62 9.83 1.23
N THR A 199 -0.69 9.60 1.38
CA THR A 199 -1.68 10.63 1.07
C THR A 199 -1.58 11.82 2.03
N LEU A 200 -1.55 11.56 3.34
CA LEU A 200 -1.41 12.66 4.28
C LEU A 200 0.04 13.15 4.31
N GLY A 201 0.97 12.24 4.06
CA GLY A 201 2.39 12.59 4.05
C GLY A 201 2.73 13.72 3.09
N ALA A 202 2.02 13.75 1.97
CA ALA A 202 2.22 14.76 0.93
C ALA A 202 1.99 16.19 1.44
N ASP A 203 1.13 16.33 2.45
CA ASP A 203 0.72 17.64 2.93
C ASP A 203 0.99 17.87 4.43
N LEU A 204 1.64 16.91 5.08
CA LEU A 204 1.90 17.02 6.53
C LEU A 204 2.69 18.25 6.91
N VAL A 205 3.75 18.54 6.16
CA VAL A 205 4.60 19.68 6.46
C VAL A 205 4.09 20.94 5.78
N ASP A 206 4.02 22.03 6.55
CA ASP A 206 3.65 23.36 6.04
C ASP A 206 4.50 23.70 4.80
N SER A 207 3.82 23.96 3.69
CA SER A 207 4.49 24.09 2.39
C SER A 207 5.42 25.30 2.27
N THR A 208 5.21 26.30 3.11
CA THR A 208 6.02 27.52 3.07
C THR A 208 7.08 27.58 4.19
N ASP A 209 6.87 26.77 5.22
CA ASP A 209 7.76 26.76 6.38
C ASP A 209 7.96 25.33 6.86
N ASN A 210 9.06 24.72 6.44
CA ASN A 210 9.35 23.32 6.76
C ASN A 210 9.47 23.02 8.25
N THR A 211 9.63 24.05 9.07
CA THR A 211 9.75 23.83 10.51
C THR A 211 8.39 23.56 11.15
N LYS A 212 7.31 23.73 10.38
CA LYS A 212 5.97 23.56 10.93
C LYS A 212 5.14 22.41 10.33
N ILE A 213 4.26 21.85 11.16
CA ILE A 213 3.30 20.84 10.74
C ILE A 213 1.97 21.52 10.42
N ASN A 214 1.33 21.11 9.33
CA ASN A 214 0.01 21.62 8.95
C ASN A 214 -1.01 21.08 9.94
N ARG A 215 -1.70 21.98 10.65
CA ARG A 215 -2.60 21.61 11.73
C ARG A 215 -3.83 20.82 11.27
N GLY A 216 -4.38 21.17 10.11
CA GLY A 216 -5.49 20.42 9.57
C GLY A 216 -5.11 19.00 9.22
N ILE A 217 -3.95 18.84 8.60
CA ILE A 217 -3.49 17.52 8.20
C ILE A 217 -3.13 16.72 9.44
N PHE A 218 -2.53 17.38 10.41
CA PHE A 218 -2.24 16.73 11.69
C PHE A 218 -3.51 16.13 12.30
N ASN A 219 -4.59 16.89 12.33
CA ASN A 219 -5.83 16.37 12.88
C ASN A 219 -6.33 15.15 12.11
N GLU A 220 -6.24 15.20 10.78
N GLU A 220 -6.23 15.20 10.77
CA GLU A 220 -6.64 14.07 9.95
CA GLU A 220 -6.61 14.07 9.94
C GLU A 220 -5.75 12.85 10.23
C GLU A 220 -5.76 12.85 10.27
N PHE A 221 -4.48 13.09 10.48
CA PHE A 221 -3.54 12.02 10.77
C PHE A 221 -3.85 11.29 12.08
N LYS A 222 -4.20 12.05 13.11
CA LYS A 222 -4.37 11.46 14.42
C LYS A 222 -5.79 11.04 14.77
N LYS A 223 -6.77 11.54 14.02
CA LYS A 223 -8.19 11.38 14.36
C LYS A 223 -8.59 9.93 14.63
N ASN A 224 -8.17 9.02 13.75
CA ASN A 224 -8.54 7.62 13.89
C ASN A 224 -7.32 6.73 14.07
N PHE A 225 -6.32 7.28 14.76
CA PHE A 225 -5.08 6.55 15.02
C PHE A 225 -5.09 6.11 16.48
N LYS A 226 -5.61 4.90 16.70
CA LYS A 226 -5.79 4.37 18.05
C LYS A 226 -5.05 3.06 18.28
N TYR A 227 -4.71 2.36 17.20
CA TYR A 227 -3.95 1.11 17.33
C TYR A 227 -3.12 0.81 16.09
N SER A 228 -2.11 -0.02 16.27
CA SER A 228 -1.03 -0.20 15.32
C SER A 228 -0.56 -1.63 15.46
N ILE A 229 -0.19 -2.26 14.35
CA ILE A 229 0.40 -3.61 14.38
C ILE A 229 1.76 -3.63 13.71
N SER A 230 2.73 -4.34 14.31
CA SER A 230 3.94 -4.63 13.56
C SER A 230 3.97 -6.10 13.20
N SER A 231 3.85 -6.37 11.90
CA SER A 231 3.98 -7.73 11.38
C SER A 231 5.44 -8.09 11.18
N ASN A 232 6.31 -7.09 11.07
CA ASN A 232 7.74 -7.37 10.94
C ASN A 232 8.43 -7.14 12.28
N TYR A 233 9.75 -7.20 12.30
CA TYR A 233 10.51 -7.04 13.55
C TYR A 233 10.89 -5.58 13.71
N MET A 234 10.34 -4.91 14.72
CA MET A 234 10.67 -3.51 14.95
C MET A 234 12.10 -3.38 15.43
N ILE A 235 12.82 -2.44 14.86
CA ILE A 235 14.19 -2.17 15.31
C ILE A 235 14.14 -0.79 15.97
N VAL A 236 14.24 -0.80 17.29
CA VAL A 236 14.01 0.40 18.09
C VAL A 236 15.29 0.91 18.76
N ASP A 237 15.33 2.22 18.97
CA ASP A 237 16.47 2.86 19.60
C ASP A 237 16.25 2.89 21.10
N ILE A 238 17.29 2.53 21.87
CA ILE A 238 17.19 2.65 23.32
C ILE A 238 17.14 4.12 23.73
N ASN A 239 17.92 4.96 23.04
CA ASN A 239 17.89 6.40 23.28
C ASN A 239 17.36 7.11 22.05
N GLU A 240 16.55 8.14 22.25
CA GLU A 240 15.95 8.86 21.12
C GLU A 240 17.00 9.52 20.24
N ARG A 241 16.88 9.30 18.93
CA ARG A 241 17.85 9.83 17.96
C ARG A 241 17.24 11.06 17.31
N PRO A 242 18.02 12.13 17.14
CA PRO A 242 17.49 13.32 16.46
C PRO A 242 17.01 12.95 15.07
N ALA A 243 15.95 13.60 14.59
CA ALA A 243 15.38 13.23 13.30
C ALA A 243 16.27 13.59 12.12
N LEU A 244 16.26 12.72 11.13
CA LEU A 244 16.78 13.07 9.80
C LEU A 244 15.68 13.88 9.12
N ASP A 245 16.00 14.56 8.03
CA ASP A 245 15.06 15.51 7.41
C ASP A 245 13.67 14.94 7.09
N ASN A 246 13.59 13.65 6.75
CA ASN A 246 12.33 13.02 6.35
C ASN A 246 11.64 12.21 7.45
N GLU A 247 12.12 12.34 8.69
CA GLU A 247 11.56 11.60 9.81
C GLU A 247 10.76 12.54 10.70
N ARG A 248 9.50 12.79 10.35
CA ARG A 248 8.72 13.72 11.17
C ARG A 248 7.89 13.02 12.25
N LEU A 249 7.89 11.68 12.27
CA LEU A 249 7.22 10.93 13.34
C LEU A 249 8.27 10.42 14.33
N LYS A 250 8.04 10.67 15.61
CA LYS A 250 8.95 10.19 16.63
CA LYS A 250 8.95 10.21 16.65
C LYS A 250 8.19 9.33 17.63
N TRP A 251 8.24 8.02 17.43
CA TRP A 251 7.52 7.10 18.31
C TRP A 251 8.26 6.95 19.63
N ARG A 252 7.48 6.93 20.72
CA ARG A 252 8.01 6.62 22.04
C ARG A 252 7.19 5.43 22.55
N ILE A 253 7.86 4.33 22.85
CA ILE A 253 7.18 3.04 22.98
C ILE A 253 7.43 2.42 24.34
N GLN A 254 6.34 1.99 24.98
CA GLN A 254 6.45 1.25 26.24
C GLN A 254 6.19 -0.23 25.96
N LEU A 255 7.14 -1.09 26.32
CA LEU A 255 6.99 -2.53 26.12
C LEU A 255 6.16 -3.18 27.22
N SER A 256 5.68 -4.40 26.96
CA SER A 256 5.06 -5.21 28.01
C SER A 256 6.12 -6.14 28.60
N PRO A 257 5.90 -6.60 29.85
CA PRO A 257 6.92 -7.47 30.48
C PRO A 257 7.21 -8.72 29.66
N ASP A 258 6.22 -9.21 28.93
CA ASP A 258 6.38 -10.44 28.16
C ASP A 258 6.88 -10.17 26.73
N THR A 259 7.12 -8.91 26.37
CA THR A 259 7.60 -8.62 25.02
C THR A 259 9.00 -9.21 24.83
N ARG A 260 9.15 -10.07 23.84
CA ARG A 260 10.46 -10.67 23.56
C ARG A 260 11.28 -9.74 22.68
N ALA A 261 12.59 -9.73 22.88
CA ALA A 261 13.49 -8.82 22.16
C ALA A 261 14.92 -9.32 22.22
N GLY A 262 15.79 -8.69 21.45
CA GLY A 262 17.21 -8.98 21.55
C GLY A 262 17.99 -7.69 21.45
N TYR A 263 19.14 -7.63 22.11
CA TYR A 263 19.99 -6.45 22.03
C TYR A 263 20.76 -6.42 20.70
N LEU A 264 20.80 -5.24 20.07
CA LEU A 264 21.60 -4.99 18.88
C LEU A 264 22.66 -3.93 19.17
N GLU A 265 23.84 -4.08 18.58
CA GLU A 265 24.93 -3.13 18.81
C GLU A 265 24.49 -1.70 18.53
N ASN A 266 25.15 -0.76 19.20
CA ASN A 266 24.85 0.68 19.10
C ASN A 266 23.53 1.05 19.77
N GLY A 267 23.13 0.26 20.75
CA GLY A 267 22.07 0.66 21.66
C GLY A 267 20.70 0.55 21.06
N LYS A 268 20.42 -0.60 20.47
CA LYS A 268 19.11 -0.88 19.87
CA LYS A 268 19.12 -0.86 19.87
C LYS A 268 18.54 -2.19 20.37
N LEU A 269 17.24 -2.38 20.15
CA LEU A 269 16.60 -3.66 20.40
C LEU A 269 15.89 -4.08 19.14
N ILE A 270 15.95 -5.37 18.85
CA ILE A 270 15.05 -5.91 17.85
C ILE A 270 13.89 -6.55 18.59
N LEU A 271 12.67 -6.17 18.25
CA LEU A 271 11.50 -6.71 18.94
C LEU A 271 10.94 -7.90 18.17
N GLN A 272 10.35 -8.85 18.91
CA GLN A 272 9.56 -9.91 18.29
C GLN A 272 8.58 -9.35 17.27
N ARG A 273 8.29 -10.14 16.24
CA ARG A 273 7.28 -9.74 15.27
C ARG A 273 5.90 -10.02 15.86
N ASN A 274 4.86 -9.58 15.17
CA ASN A 274 3.47 -9.80 15.59
C ASN A 274 3.17 -9.11 16.92
N ILE A 275 3.50 -7.82 16.94
CA ILE A 275 3.27 -6.95 18.08
CA ILE A 275 3.28 -6.93 18.06
C ILE A 275 2.01 -6.10 17.84
N GLY A 276 1.22 -5.94 18.91
CA GLY A 276 0.13 -4.98 18.89
C GLY A 276 0.55 -3.71 19.64
N LEU A 277 0.08 -2.54 19.21
CA LEU A 277 0.38 -1.30 19.95
C LEU A 277 -0.87 -0.48 20.08
N GLU A 278 -1.17 -0.03 21.31
CA GLU A 278 -2.24 0.92 21.52
C GLU A 278 -1.65 2.32 21.50
N ILE A 279 -2.29 3.21 20.76
CA ILE A 279 -1.80 4.59 20.67
C ILE A 279 -2.38 5.38 21.84
N LYS A 280 -1.50 5.82 22.74
CA LYS A 280 -1.89 6.49 23.96
C LYS A 280 -1.98 8.00 23.81
N ASP A 281 -1.17 8.57 22.92
CA ASP A 281 -1.13 10.03 22.77
C ASP A 281 -0.41 10.38 21.47
N VAL A 282 -0.88 11.44 20.81
CA VAL A 282 -0.25 11.92 19.59
C VAL A 282 -0.21 13.44 19.73
N GLN A 283 0.99 14.00 19.71
CA GLN A 283 1.17 15.42 19.98
C GLN A 283 2.21 16.05 19.07
N ILE A 284 1.97 17.31 18.70
CA ILE A 284 3.02 18.07 18.04
C ILE A 284 4.01 18.56 19.09
N ILE A 285 5.28 18.23 18.91
CA ILE A 285 6.32 18.69 19.81
C ILE A 285 7.40 19.45 19.05
N LYS A 286 8.20 20.24 19.78
CA LYS A 286 9.35 20.92 19.16
C LYS A 286 10.67 20.31 19.60
N GLN A 287 11.52 20.00 18.64
CA GLN A 287 12.89 19.62 18.93
C GLN A 287 13.79 20.45 18.04
N SER A 288 14.69 21.21 18.67
CA SER A 288 15.60 22.11 17.96
C SER A 288 14.89 22.97 16.91
N GLU A 289 13.89 23.73 17.35
CA GLU A 289 13.19 24.68 16.49
C GLU A 289 12.46 24.07 15.28
N LYS A 290 12.08 22.80 15.38
CA LYS A 290 11.26 22.18 14.35
C LYS A 290 10.16 21.32 14.95
N GLU A 291 9.01 21.28 14.29
CA GLU A 291 7.90 20.52 14.80
C GLU A 291 7.92 19.08 14.33
N TYR A 292 7.66 18.17 15.26
CA TYR A 292 7.57 16.74 15.00
C TYR A 292 6.28 16.22 15.62
N ILE A 293 5.88 15.02 15.22
CA ILE A 293 4.74 14.36 15.87
C ILE A 293 5.23 13.28 16.81
N ARG A 294 5.02 13.48 18.11
CA ARG A 294 5.29 12.44 19.11
C ARG A 294 4.15 11.44 19.05
N ILE A 295 4.48 10.16 18.95
CA ILE A 295 3.48 9.11 19.03
C ILE A 295 3.83 8.23 20.23
N ASP A 296 3.02 8.32 21.28
CA ASP A 296 3.20 7.46 22.45
C ASP A 296 2.38 6.19 22.28
N ALA A 297 3.06 5.04 22.35
CA ALA A 297 2.40 3.77 22.06
C ALA A 297 2.78 2.76 23.13
N LYS A 298 1.84 1.89 23.47
CA LYS A 298 2.08 0.85 24.47
C LYS A 298 1.85 -0.52 23.83
N VAL A 299 2.81 -1.43 23.99
CA VAL A 299 2.67 -2.79 23.47
C VAL A 299 1.61 -3.58 24.22
N VAL A 300 0.73 -4.24 23.47
CA VAL A 300 -0.32 -5.10 24.01
C VAL A 300 -0.33 -6.37 23.16
N PRO A 301 -1.00 -7.44 23.64
CA PRO A 301 -1.01 -8.63 22.79
C PRO A 301 -1.67 -8.33 21.46
N LYS A 302 -1.13 -8.86 20.37
CA LYS A 302 -1.68 -8.57 19.04
C LYS A 302 -3.13 -9.04 18.96
N SER A 303 -3.46 -10.09 19.71
CA SER A 303 -4.81 -10.64 19.70
C SER A 303 -5.84 -9.60 20.17
N LYS A 304 -5.42 -8.70 21.05
CA LYS A 304 -6.31 -7.66 21.55
C LYS A 304 -6.67 -6.71 20.41
N ILE A 305 -5.70 -6.42 19.56
CA ILE A 305 -5.92 -5.52 18.42
C ILE A 305 -6.75 -6.24 17.35
N ASP A 306 -6.43 -7.50 17.08
CA ASP A 306 -7.19 -8.24 16.08
C ASP A 306 -8.66 -8.38 16.47
N THR A 307 -8.94 -8.48 17.77
CA THR A 307 -10.33 -8.52 18.23
C THR A 307 -11.06 -7.23 17.85
N LYS A 308 -10.38 -6.09 17.97
CA LYS A 308 -10.97 -4.80 17.63
C LYS A 308 -11.23 -4.70 16.13
N ILE A 309 -10.31 -5.21 15.34
CA ILE A 309 -10.47 -5.16 13.87
C ILE A 309 -11.63 -6.07 13.45
N GLN A 310 -11.72 -7.26 14.04
CA GLN A 310 -12.82 -8.17 13.69
C GLN A 310 -14.17 -7.64 14.15
N GLU A 311 -14.19 -6.99 15.30
CA GLU A 311 -15.43 -6.37 15.76
C GLU A 311 -15.85 -5.23 14.82
N ALA A 312 -14.88 -4.47 14.33
CA ALA A 312 -15.17 -3.41 13.36
C ALA A 312 -15.67 -3.97 12.04
N GLN A 313 -15.08 -5.07 11.60
CA GLN A 313 -15.52 -5.70 10.36
C GLN A 313 -16.98 -6.15 10.48
N LEU A 314 -17.34 -6.75 11.60
CA LEU A 314 -18.73 -7.12 11.81
C LEU A 314 -19.63 -5.89 11.78
N ASN A 315 -19.21 -4.84 12.48
CA ASN A 315 -20.01 -3.60 12.56
C ASN A 315 -20.22 -2.94 11.20
N ILE A 316 -19.17 -2.82 10.40
CA ILE A 316 -19.30 -2.13 9.12
C ILE A 316 -20.18 -2.90 8.13
N ASN A 317 -20.12 -4.23 8.17
CA ASN A 317 -21.00 -5.04 7.33
C ASN A 317 -22.46 -4.95 7.78
N GLN A 318 -22.69 -4.97 9.09
CA GLN A 318 -24.05 -4.80 9.61
C GLN A 318 -24.64 -3.48 9.13
N GLU A 319 -23.85 -2.41 9.16
CA GLU A 319 -24.29 -1.11 8.66
C GLU A 319 -24.58 -1.09 7.15
N TRP A 320 -23.63 -1.59 6.37
CA TRP A 320 -23.73 -1.50 4.91
C TRP A 320 -24.65 -2.52 4.29
N ASN A 321 -24.74 -3.71 4.89
CA ASN A 321 -25.76 -4.66 4.44
C ASN A 321 -27.16 -4.09 4.56
N LYS A 322 -27.43 -3.36 5.64
CA LYS A 322 -28.73 -2.75 5.78
C LYS A 322 -28.92 -1.63 4.75
N ALA A 323 -27.90 -0.79 4.61
CA ALA A 323 -28.00 0.34 3.68
C ALA A 323 -28.21 -0.12 2.24
N LEU A 324 -27.62 -1.26 1.90
CA LEU A 324 -27.60 -1.77 0.52
C LEU A 324 -28.69 -2.81 0.29
N GLY A 325 -29.41 -3.16 1.34
CA GLY A 325 -30.51 -4.12 1.22
C GLY A 325 -30.05 -5.55 1.01
N LEU A 326 -28.87 -5.86 1.53
CA LEU A 326 -28.31 -7.20 1.47
C LEU A 326 -28.66 -7.96 2.75
N PRO A 327 -28.66 -9.30 2.69
CA PRO A 327 -28.86 -10.09 3.91
C PRO A 327 -27.85 -9.73 4.99
N LYS A 328 -28.30 -9.64 6.25
CA LYS A 328 -27.47 -9.14 7.34
C LYS A 328 -26.14 -9.88 7.51
N TYR A 329 -26.14 -11.16 7.16
CA TYR A 329 -24.98 -12.02 7.35
C TYR A 329 -23.97 -11.92 6.21
N THR A 330 -24.30 -11.15 5.17
CA THR A 330 -23.41 -11.03 4.02
C THR A 330 -22.01 -10.58 4.41
N LYS A 331 -20.99 -11.30 3.94
CA LYS A 331 -19.61 -10.89 4.10
C LYS A 331 -19.22 -10.12 2.85
N LEU A 332 -19.37 -8.80 2.90
CA LEU A 332 -19.04 -7.95 1.76
C LEU A 332 -17.72 -7.22 1.99
N ILE A 333 -17.59 -6.60 3.16
CA ILE A 333 -16.42 -5.77 3.48
C ILE A 333 -15.41 -6.55 4.33
N THR A 334 -14.16 -6.58 3.89
CA THR A 334 -13.09 -7.27 4.62
CA THR A 334 -13.12 -7.25 4.69
C THR A 334 -11.97 -6.32 4.99
N PHE A 335 -11.48 -6.40 6.23
CA PHE A 335 -10.30 -5.66 6.64
C PHE A 335 -9.13 -6.63 6.67
N ASN A 336 -8.22 -6.50 5.71
CA ASN A 336 -7.00 -7.29 5.71
C ASN A 336 -5.89 -6.39 6.22
N VAL A 337 -5.77 -6.32 7.55
CA VAL A 337 -5.05 -5.25 8.21
C VAL A 337 -3.96 -5.80 9.13
N HIS A 338 -2.72 -5.35 8.92
CA HIS A 338 -1.57 -5.99 9.57
C HIS A 338 -0.42 -5.06 9.91
N ASN A 339 -0.54 -3.77 9.62
CA ASN A 339 0.62 -2.87 9.69
C ASN A 339 0.41 -1.64 10.57
N ARG A 340 1.34 -0.68 10.51
CA ARG A 340 1.49 0.27 11.61
C ARG A 340 0.47 1.40 11.72
N TYR A 341 -0.34 1.58 10.67
CA TYR A 341 -1.42 2.57 10.73
C TYR A 341 -2.77 1.84 10.76
N ALA A 342 -2.77 0.64 11.32
CA ALA A 342 -3.93 -0.27 11.32
C ALA A 342 -5.30 0.37 11.53
N SER A 343 -5.47 1.11 12.62
CA SER A 343 -6.79 1.62 12.97
C SER A 343 -7.33 2.59 11.91
N ASN A 344 -6.43 3.26 11.18
CA ASN A 344 -6.91 4.20 10.19
C ASN A 344 -7.43 3.48 8.95
N ILE A 345 -6.83 2.34 8.63
CA ILE A 345 -7.32 1.52 7.53
C ILE A 345 -8.77 1.13 7.82
N VAL A 346 -9.02 0.72 9.05
CA VAL A 346 -10.36 0.32 9.45
C VAL A 346 -11.31 1.50 9.42
N GLU A 347 -10.99 2.55 10.16
CA GLU A 347 -11.93 3.64 10.31
C GLU A 347 -12.16 4.41 9.01
N SER A 348 -11.14 4.52 8.17
CA SER A 348 -11.28 5.30 6.94
C SER A 348 -12.22 4.61 5.95
N ALA A 349 -12.37 3.29 6.08
CA ALA A 349 -13.32 2.57 5.22
C ALA A 349 -14.76 3.08 5.35
N TYR A 350 -15.18 3.43 6.57
CA TYR A 350 -16.51 4.01 6.76
C TYR A 350 -16.65 5.29 5.94
N LEU A 351 -15.62 6.13 6.00
CA LEU A 351 -15.66 7.42 5.32
C LEU A 351 -15.67 7.24 3.80
N ILE A 352 -14.85 6.31 3.31
CA ILE A 352 -14.77 6.01 1.87
C ILE A 352 -16.11 5.53 1.34
N LEU A 353 -16.74 4.59 2.03
CA LEU A 353 -18.04 4.09 1.59
C LEU A 353 -19.13 5.16 1.68
N ASN A 354 -19.05 6.03 2.70
CA ASN A 354 -19.99 7.14 2.80
C ASN A 354 -19.91 8.04 1.57
N GLU A 355 -18.68 8.36 1.15
CA GLU A 355 -18.48 9.20 -0.04
C GLU A 355 -18.99 8.52 -1.31
N TRP A 356 -18.75 7.22 -1.41
CA TRP A 356 -19.25 6.41 -2.52
C TRP A 356 -20.76 6.48 -2.62
N LYS A 357 -21.44 6.27 -1.49
CA LYS A 357 -22.90 6.31 -1.47
C LYS A 357 -23.42 7.73 -1.73
N ASN A 358 -22.72 8.73 -1.20
CA ASN A 358 -23.14 10.13 -1.39
C ASN A 358 -23.11 10.54 -2.86
N ASN A 359 -22.11 10.06 -3.58
CA ASN A 359 -21.79 10.60 -4.90
C ASN A 359 -22.27 9.76 -6.09
N ILE A 360 -22.83 8.58 -5.83
CA ILE A 360 -23.35 7.74 -6.91
C ILE A 360 -24.81 7.40 -6.63
N GLN A 361 -25.63 7.37 -7.68
CA GLN A 361 -27.05 7.01 -7.57
C GLN A 361 -27.25 5.72 -6.79
N SER A 362 -28.24 5.70 -5.90
CA SER A 362 -28.45 4.58 -5.00
C SER A 362 -28.78 3.28 -5.73
N ASP A 363 -29.64 3.35 -6.74
CA ASP A 363 -29.98 2.15 -7.51
C ASP A 363 -28.78 1.54 -8.21
N LEU A 364 -27.84 2.38 -8.63
CA LEU A 364 -26.65 1.88 -9.32
C LEU A 364 -25.77 1.11 -8.36
N ILE A 365 -25.53 1.69 -7.18
CA ILE A 365 -24.71 1.04 -6.16
CA ILE A 365 -24.68 0.99 -6.22
C ILE A 365 -25.35 -0.29 -5.72
N LYS A 366 -26.66 -0.29 -5.55
CA LYS A 366 -27.35 -1.52 -5.14
C LYS A 366 -27.31 -2.62 -6.21
N LYS A 367 -27.61 -2.27 -7.46
CA LYS A 367 -27.60 -3.23 -8.56
C LYS A 367 -26.22 -3.83 -8.78
N VAL A 368 -25.19 -2.99 -8.82
CA VAL A 368 -23.83 -3.48 -9.05
C VAL A 368 -23.33 -4.28 -7.87
N THR A 369 -23.60 -3.80 -6.65
CA THR A 369 -23.09 -4.50 -5.48
C THR A 369 -23.74 -5.89 -5.35
N ASN A 370 -25.03 -5.98 -5.69
CA ASN A 370 -25.69 -7.27 -5.69
C ASN A 370 -25.06 -8.26 -6.67
N TYR A 371 -24.67 -7.76 -7.85
CA TYR A 371 -23.95 -8.58 -8.81
C TYR A 371 -22.62 -9.09 -8.20
N LEU A 372 -21.89 -8.21 -7.52
CA LEU A 372 -20.62 -8.61 -6.93
C LEU A 372 -20.86 -9.69 -5.87
N VAL A 373 -21.85 -9.46 -5.01
CA VAL A 373 -22.15 -10.39 -3.92
C VAL A 373 -22.60 -11.75 -4.47
N ASP A 374 -23.33 -11.73 -5.58
CA ASP A 374 -23.76 -12.95 -6.24
C ASP A 374 -22.57 -13.79 -6.69
N GLY A 375 -21.42 -13.12 -6.86
CA GLY A 375 -20.19 -13.79 -7.24
C GLY A 375 -19.18 -13.91 -6.12
N ASN A 376 -19.67 -13.82 -4.88
CA ASN A 376 -18.84 -13.87 -3.67
C ASN A 376 -17.79 -12.76 -3.63
N GLY A 377 -18.14 -11.60 -4.18
CA GLY A 377 -17.22 -10.47 -4.23
C GLY A 377 -16.98 -9.80 -2.89
N ARG A 378 -15.89 -9.06 -2.78
CA ARG A 378 -15.56 -8.35 -1.55
C ARG A 378 -15.13 -6.93 -1.84
N PHE A 379 -15.29 -6.06 -0.84
CA PHE A 379 -14.58 -4.78 -0.80
C PHE A 379 -13.47 -5.01 0.24
N VAL A 380 -12.23 -5.08 -0.22
CA VAL A 380 -11.09 -5.37 0.65
C VAL A 380 -10.33 -4.09 0.93
N PHE A 381 -10.25 -3.69 2.20
CA PHE A 381 -9.46 -2.54 2.59
C PHE A 381 -8.25 -3.08 3.30
N THR A 382 -7.06 -2.71 2.84
CA THR A 382 -5.86 -3.40 3.31
C THR A 382 -4.65 -2.48 3.46
N ASP A 383 -3.72 -2.90 4.32
CA ASP A 383 -2.41 -2.25 4.39
C ASP A 383 -1.26 -3.19 4.04
N ILE A 384 -1.57 -4.31 3.39
CA ILE A 384 -0.56 -5.17 2.79
C ILE A 384 -0.58 -5.00 1.27
N THR A 385 0.51 -5.34 0.57
CA THR A 385 0.56 -5.05 -0.86
C THR A 385 -0.41 -5.93 -1.64
N LEU A 386 -0.98 -5.37 -2.71
CA LEU A 386 -2.07 -6.06 -3.39
C LEU A 386 -1.72 -7.46 -3.96
N PRO A 387 -0.45 -7.70 -4.38
CA PRO A 387 -0.15 -9.07 -4.81
C PRO A 387 -0.35 -10.13 -3.72
N ASN A 388 -0.39 -9.68 -2.46
CA ASN A 388 -0.54 -10.61 -1.34
C ASN A 388 -1.96 -10.72 -0.85
N ILE A 389 -2.90 -10.16 -1.61
CA ILE A 389 -4.33 -10.29 -1.31
C ILE A 389 -4.88 -11.44 -2.14
N ALA A 390 -5.53 -12.41 -1.49
CA ALA A 390 -5.99 -13.62 -2.18
C ALA A 390 -6.98 -13.31 -3.30
N GLU A 391 -7.82 -12.30 -3.10
CA GLU A 391 -8.76 -11.90 -4.15
C GLU A 391 -8.05 -11.51 -5.45
N GLN A 392 -6.77 -11.11 -5.37
CA GLN A 392 -5.95 -11.01 -6.58
C GLN A 392 -5.17 -12.29 -6.91
N TYR A 393 -4.34 -12.79 -5.98
CA TYR A 393 -3.41 -13.85 -6.37
C TYR A 393 -4.04 -15.20 -6.73
N THR A 394 -5.24 -15.45 -6.22
CA THR A 394 -5.93 -16.70 -6.55
C THR A 394 -6.19 -16.74 -8.05
N HIS A 395 -6.31 -15.56 -8.67
CA HIS A 395 -6.64 -15.47 -10.10
C HIS A 395 -5.49 -15.02 -11.01
N GLN A 396 -4.46 -14.39 -10.44
CA GLN A 396 -3.26 -14.07 -11.20
C GLN A 396 -2.13 -14.97 -10.72
N ASP A 397 -2.03 -16.18 -11.26
CA ASP A 397 -1.03 -17.18 -10.88
CA ASP A 397 -1.02 -17.10 -10.77
C ASP A 397 0.39 -16.76 -11.27
N GLU A 398 0.50 -15.99 -12.34
CA GLU A 398 1.83 -15.54 -12.79
C GLU A 398 2.20 -14.28 -12.03
N ILE A 399 3.36 -14.29 -11.38
CA ILE A 399 3.82 -13.10 -10.68
C ILE A 399 3.96 -11.91 -11.63
N TYR A 400 4.39 -12.18 -12.86
CA TYR A 400 4.51 -11.09 -13.84
C TYR A 400 3.18 -10.37 -14.13
N GLU A 401 2.05 -11.03 -13.85
CA GLU A 401 0.74 -10.40 -14.03
C GLU A 401 0.15 -9.82 -12.73
N GLN A 402 0.82 -10.08 -11.61
CA GLN A 402 0.38 -9.51 -10.34
C GLN A 402 0.77 -8.03 -10.25
N VAL A 403 -0.09 -7.25 -9.62
CA VAL A 403 0.06 -5.81 -9.65
C VAL A 403 0.08 -5.19 -8.26
N HIS A 404 0.99 -4.23 -8.08
N HIS A 404 0.96 -4.24 -7.99
CA HIS A 404 0.99 -3.27 -6.97
CA HIS A 404 0.69 -3.39 -6.83
C HIS A 404 0.28 -2.00 -7.47
C HIS A 404 0.32 -2.03 -7.35
N SER A 405 -0.68 -1.46 -6.71
CA SER A 405 -1.32 -0.21 -7.10
C SER A 405 -2.20 0.31 -5.96
N LYS A 406 -2.70 1.53 -6.09
CA LYS A 406 -3.56 2.10 -5.06
C LYS A 406 -4.85 1.30 -4.90
N GLY A 407 -5.38 0.83 -6.03
CA GLY A 407 -6.58 0.01 -6.00
C GLY A 407 -6.66 -0.93 -7.20
N LEU A 408 -7.57 -1.89 -7.13
CA LEU A 408 -7.71 -2.86 -8.20
C LEU A 408 -9.16 -3.33 -8.24
N TYR A 409 -9.60 -3.76 -9.41
CA TYR A 409 -10.83 -4.52 -9.53
C TYR A 409 -10.52 -5.84 -10.21
N VAL A 410 -10.84 -6.94 -9.52
CA VAL A 410 -10.57 -8.26 -10.06
C VAL A 410 -11.87 -8.92 -10.50
N PRO A 411 -12.11 -8.97 -11.82
CA PRO A 411 -13.41 -9.50 -12.26
C PRO A 411 -13.62 -10.94 -11.83
N GLU A 412 -12.55 -11.74 -11.78
CA GLU A 412 -12.68 -13.15 -11.44
C GLU A 412 -13.17 -13.40 -10.00
N SER A 413 -12.90 -12.45 -9.11
CA SER A 413 -13.36 -12.57 -7.72
C SER A 413 -14.40 -11.51 -7.40
N ARG A 414 -14.81 -10.77 -8.43
CA ARG A 414 -15.74 -9.62 -8.30
C ARG A 414 -15.42 -8.73 -7.11
N SER A 415 -14.13 -8.44 -6.96
CA SER A 415 -13.67 -7.76 -5.77
C SER A 415 -12.94 -6.45 -6.06
N ILE A 416 -13.23 -5.45 -5.23
CA ILE A 416 -12.50 -4.19 -5.25
C ILE A 416 -11.47 -4.24 -4.10
N LEU A 417 -10.22 -3.94 -4.44
CA LEU A 417 -9.15 -3.90 -3.45
C LEU A 417 -8.66 -2.47 -3.33
N LEU A 418 -8.41 -2.01 -2.11
CA LEU A 418 -7.94 -0.66 -1.90
C LEU A 418 -6.82 -0.65 -0.88
N HIS A 419 -5.64 -0.25 -1.35
CA HIS A 419 -4.43 -0.22 -0.53
C HIS A 419 -4.31 1.13 0.18
N GLY A 420 -4.46 1.10 1.49
CA GLY A 420 -4.45 2.32 2.29
C GLY A 420 -3.20 3.19 2.28
N PRO A 421 -2.01 2.58 2.48
CA PRO A 421 -0.81 3.40 2.70
C PRO A 421 -0.28 4.17 1.48
N SER A 422 -0.65 3.79 0.27
CA SER A 422 -0.12 4.48 -0.91
C SER A 422 -1.04 5.60 -1.38
N LYS A 423 -0.57 6.39 -2.34
CA LYS A 423 -1.38 7.44 -2.94
C LYS A 423 -1.35 7.31 -4.45
N GLY A 424 -2.53 7.36 -5.08
CA GLY A 424 -2.63 7.39 -6.52
C GLY A 424 -2.20 8.75 -7.02
N VAL A 425 -1.40 8.77 -8.08
CA VAL A 425 -0.81 10.02 -8.57
C VAL A 425 -1.83 11.12 -8.91
N GLU A 426 -2.86 10.79 -9.68
CA GLU A 426 -3.86 11.80 -10.06
C GLU A 426 -5.11 11.77 -9.18
N LEU A 427 -4.98 11.19 -7.98
CA LEU A 427 -6.11 11.08 -7.06
C LEU A 427 -5.85 11.90 -5.80
N ARG A 428 -6.86 12.63 -5.37
CA ARG A 428 -6.76 13.43 -4.15
C ARG A 428 -6.84 12.57 -2.90
N ASN A 429 -7.60 11.50 -2.95
CA ASN A 429 -7.92 10.73 -1.74
C ASN A 429 -8.34 9.29 -2.01
N ASP A 430 -8.60 8.56 -0.94
CA ASP A 430 -8.93 7.16 -1.04
C ASP A 430 -10.30 6.96 -1.68
N SER A 431 -11.24 7.88 -1.45
CA SER A 431 -12.59 7.76 -2.01
CA SER A 431 -12.58 7.69 -2.00
C SER A 431 -12.59 7.77 -3.53
N GLU A 432 -11.74 8.63 -4.10
CA GLU A 432 -11.61 8.70 -5.56
C GLU A 432 -11.06 7.39 -6.13
N GLY A 433 -10.10 6.78 -5.44
CA GLY A 433 -9.59 5.48 -5.84
C GLY A 433 -10.67 4.42 -5.80
N PHE A 434 -11.47 4.41 -4.74
CA PHE A 434 -12.52 3.40 -4.62
C PHE A 434 -13.54 3.57 -5.75
N ILE A 435 -13.85 4.82 -6.05
CA ILE A 435 -14.85 5.10 -7.07
C ILE A 435 -14.34 4.70 -8.45
N HIS A 436 -13.05 4.92 -8.70
CA HIS A 436 -12.42 4.39 -9.89
C HIS A 436 -12.62 2.87 -9.99
N GLU A 437 -12.35 2.12 -8.92
CA GLU A 437 -12.54 0.68 -8.99
C GLU A 437 -13.99 0.31 -9.21
N PHE A 438 -14.91 1.07 -8.61
CA PHE A 438 -16.32 0.80 -8.80
C PHE A 438 -16.69 1.02 -10.27
N GLY A 439 -16.01 1.97 -10.92
CA GLY A 439 -16.18 2.15 -12.36
C GLY A 439 -15.91 0.87 -13.15
N HIS A 440 -14.86 0.13 -12.75
CA HIS A 440 -14.58 -1.15 -13.38
C HIS A 440 -15.69 -2.17 -13.13
N ALA A 441 -16.22 -2.18 -11.91
CA ALA A 441 -17.34 -3.05 -11.57
C ALA A 441 -18.57 -2.74 -12.44
N VAL A 442 -18.82 -1.45 -12.67
CA VAL A 442 -19.91 -1.03 -13.55
C VAL A 442 -19.71 -1.54 -14.98
N ASP A 443 -18.48 -1.42 -15.48
CA ASP A 443 -18.10 -1.91 -16.79
C ASP A 443 -18.38 -3.41 -16.90
N ASP A 444 -17.94 -4.14 -15.87
CA ASP A 444 -18.17 -5.59 -15.78
C ASP A 444 -19.67 -5.90 -15.83
N TYR A 445 -20.45 -5.33 -14.92
CA TYR A 445 -21.87 -5.68 -14.84
C TYR A 445 -22.63 -5.26 -16.10
N ALA A 446 -22.30 -4.10 -16.65
CA ALA A 446 -22.93 -3.66 -17.89
C ALA A 446 -22.67 -4.65 -19.03
N GLY A 447 -21.45 -5.20 -19.09
CA GLY A 447 -21.12 -6.16 -20.13
C GLY A 447 -21.83 -7.49 -19.94
N TYR A 448 -21.95 -7.89 -18.68
CA TYR A 448 -22.65 -9.11 -18.31
C TYR A 448 -24.10 -9.08 -18.75
N LEU A 449 -24.73 -7.91 -18.63
CA LEU A 449 -26.13 -7.74 -19.03
C LEU A 449 -26.32 -7.84 -20.54
N LEU A 450 -25.32 -7.38 -21.30
CA LEU A 450 -25.36 -7.37 -22.76
C LEU A 450 -25.59 -8.77 -23.32
N ASP A 451 -24.87 -9.73 -22.73
CA ASP A 451 -24.94 -11.12 -23.14
C ASP A 451 -24.54 -11.91 -21.91
N LYS A 452 -25.54 -12.39 -21.17
CA LYS A 452 -25.30 -13.16 -19.95
C LYS A 452 -24.59 -14.48 -20.23
N ASN A 453 -24.63 -14.92 -21.49
CA ASN A 453 -24.07 -16.21 -21.87
C ASN A 453 -22.56 -16.18 -22.17
N GLN A 454 -22.12 -15.23 -23.00
CA GLN A 454 -20.69 -14.96 -23.12
C GLN A 454 -20.39 -13.62 -22.44
N SER A 455 -19.81 -13.69 -21.25
CA SER A 455 -19.65 -12.52 -20.38
C SER A 455 -18.34 -11.74 -20.61
N ASP A 456 -18.48 -10.52 -21.10
CA ASP A 456 -17.35 -9.67 -21.46
C ASP A 456 -17.59 -8.30 -20.85
N LEU A 457 -16.58 -7.42 -20.89
CA LEU A 457 -16.74 -6.07 -20.38
C LEU A 457 -17.46 -5.21 -21.40
N VAL A 458 -18.22 -4.21 -20.94
CA VAL A 458 -18.89 -3.33 -21.90
C VAL A 458 -17.87 -2.48 -22.66
N THR A 459 -16.71 -2.24 -22.04
CA THR A 459 -15.64 -1.48 -22.68
C THR A 459 -14.95 -2.21 -23.83
N ASN A 460 -15.28 -3.49 -23.99
CA ASN A 460 -14.77 -4.30 -25.09
C ASN A 460 -15.76 -4.34 -26.25
N SER A 461 -16.84 -3.57 -26.15
CA SER A 461 -17.78 -3.46 -27.26
C SER A 461 -17.19 -2.58 -28.36
N LYS A 462 -17.53 -2.86 -29.60
CA LYS A 462 -17.04 -2.07 -30.72
C LYS A 462 -17.44 -0.60 -30.55
N LYS A 463 -18.64 -0.39 -30.02
CA LYS A 463 -19.14 0.97 -29.78
C LYS A 463 -18.20 1.76 -28.86
N PHE A 464 -17.78 1.17 -27.76
CA PHE A 464 -16.94 1.92 -26.84
C PHE A 464 -15.52 2.03 -27.36
N ILE A 465 -15.06 1.00 -28.08
CA ILE A 465 -13.72 1.06 -28.67
C ILE A 465 -13.61 2.28 -29.59
N ASP A 466 -14.65 2.53 -30.38
CA ASP A 466 -14.66 3.69 -31.26
C ASP A 466 -14.69 4.99 -30.46
N ILE A 467 -15.43 4.98 -29.35
CA ILE A 467 -15.49 6.16 -28.49
C ILE A 467 -14.12 6.45 -27.88
N PHE A 468 -13.47 5.42 -27.35
CA PHE A 468 -12.12 5.55 -26.81
C PHE A 468 -11.12 6.09 -27.85
N LYS A 469 -11.19 5.59 -29.08
CA LYS A 469 -10.28 6.05 -30.14
C LYS A 469 -10.45 7.53 -30.41
N GLU A 470 -11.67 8.03 -30.24
CA GLU A 470 -11.95 9.44 -30.43
C GLU A 470 -11.63 10.31 -29.20
N GLU A 471 -12.04 9.85 -28.01
CA GLU A 471 -12.02 10.71 -26.83
C GLU A 471 -10.99 10.33 -25.76
N GLY A 472 -10.24 9.27 -26.01
CA GLY A 472 -9.42 8.66 -24.98
C GLY A 472 -8.32 9.51 -24.37
N SER A 473 -7.95 10.61 -25.04
CA SER A 473 -6.89 11.48 -24.55
C SER A 473 -7.45 12.76 -23.95
N ASN A 474 -8.78 12.85 -23.91
CA ASN A 474 -9.44 14.09 -23.52
C ASN A 474 -9.62 14.28 -22.01
N LEU A 475 -9.36 13.24 -21.22
CA LEU A 475 -9.52 13.33 -19.77
C LEU A 475 -8.15 13.22 -19.08
N THR A 476 -8.01 12.29 -18.15
CA THR A 476 -6.75 12.18 -17.40
C THR A 476 -5.66 11.50 -18.21
N SER A 477 -4.41 11.71 -17.79
CA SER A 477 -3.29 11.02 -18.40
C SER A 477 -3.45 9.50 -18.25
N TYR A 478 -3.85 9.07 -17.07
CA TYR A 478 -3.97 7.65 -16.82
C TYR A 478 -5.12 7.04 -17.64
N GLY A 479 -6.15 7.85 -17.88
CA GLY A 479 -7.27 7.44 -18.73
C GLY A 479 -6.88 7.01 -20.14
N ARG A 480 -5.75 7.50 -20.64
CA ARG A 480 -5.27 7.14 -21.97
C ARG A 480 -4.88 5.67 -22.11
N THR A 481 -4.61 5.02 -20.99
CA THR A 481 -4.02 3.67 -20.99
C THR A 481 -4.73 2.68 -21.90
N ASN A 482 -6.05 2.56 -21.72
CA ASN A 482 -6.86 1.67 -22.56
C ASN A 482 -8.34 1.92 -22.31
N GLU A 483 -9.20 1.18 -23.02
CA GLU A 483 -10.65 1.38 -22.89
C GLU A 483 -11.17 1.23 -21.46
N ALA A 484 -10.68 0.24 -20.73
CA ALA A 484 -11.20 -0.01 -19.39
C ALA A 484 -10.81 1.11 -18.44
N GLU A 485 -9.56 1.55 -18.51
CA GLU A 485 -9.12 2.61 -17.62
C GLU A 485 -9.77 3.94 -17.94
N PHE A 486 -9.97 4.20 -19.24
CA PHE A 486 -10.67 5.39 -19.66
C PHE A 486 -12.09 5.44 -19.11
N PHE A 487 -12.81 4.33 -19.24
CA PHE A 487 -14.18 4.23 -18.72
C PHE A 487 -14.17 4.49 -17.22
N ALA A 488 -13.25 3.87 -16.49
CA ALA A 488 -13.21 3.99 -15.04
C ALA A 488 -12.87 5.40 -14.61
N GLU A 489 -11.97 6.03 -15.35
CA GLU A 489 -11.58 7.41 -15.07
C GLU A 489 -12.73 8.37 -15.37
N ALA A 490 -13.37 8.19 -16.52
CA ALA A 490 -14.53 9.02 -16.84
C ALA A 490 -15.62 8.84 -15.79
N PHE A 491 -15.88 7.59 -15.40
CA PHE A 491 -16.85 7.31 -14.35
C PHE A 491 -16.51 8.03 -13.05
N ARG A 492 -15.25 7.93 -12.64
CA ARG A 492 -14.83 8.56 -11.39
C ARG A 492 -15.03 10.07 -11.42
N LEU A 493 -14.62 10.69 -12.53
CA LEU A 493 -14.72 12.13 -12.68
C LEU A 493 -16.18 12.58 -12.76
N MET A 494 -17.05 11.73 -13.33
CA MET A 494 -18.46 12.06 -13.43
C MET A 494 -19.12 12.04 -12.06
N HIS A 495 -18.48 11.39 -11.09
CA HIS A 495 -19.04 11.29 -9.75
C HIS A 495 -18.14 11.94 -8.71
N SER A 496 -17.39 12.95 -9.15
CA SER A 496 -16.54 13.75 -8.28
C SER A 496 -17.36 14.68 -7.40
N THR A 497 -16.84 14.99 -6.23
CA THR A 497 -17.47 15.99 -5.36
C THR A 497 -17.31 17.38 -5.98
N ASP A 498 -16.34 17.50 -6.88
CA ASP A 498 -16.08 18.75 -7.60
C ASP A 498 -16.89 18.83 -8.90
N HIS A 499 -17.92 19.69 -8.90
CA HIS A 499 -18.79 19.86 -10.05
C HIS A 499 -18.05 20.19 -11.35
N ALA A 500 -16.94 20.92 -11.24
CA ALA A 500 -16.16 21.28 -12.42
C ALA A 500 -15.61 20.03 -13.11
N GLU A 501 -15.21 19.04 -12.32
CA GLU A 501 -14.72 17.80 -12.90
CA GLU A 501 -14.72 17.76 -12.85
C GLU A 501 -15.82 17.02 -13.62
N ARG A 502 -17.04 17.03 -13.06
CA ARG A 502 -18.15 16.38 -13.74
C ARG A 502 -18.43 17.09 -15.06
N LEU A 503 -18.36 18.43 -15.04
CA LEU A 503 -18.63 19.22 -16.23
C LEU A 503 -17.58 19.03 -17.31
N LYS A 504 -16.33 18.78 -16.90
CA LYS A 504 -15.24 18.52 -17.84
C LYS A 504 -15.48 17.26 -18.68
N VAL A 505 -16.01 16.21 -18.05
CA VAL A 505 -16.32 15.00 -18.79
C VAL A 505 -17.41 15.26 -19.82
N GLN A 506 -18.48 15.92 -19.37
CA GLN A 506 -19.59 16.28 -20.24
C GLN A 506 -19.13 17.11 -21.43
N LYS A 507 -18.22 18.05 -21.19
CA LYS A 507 -17.72 18.95 -22.23
C LYS A 507 -16.63 18.35 -23.15
N ASN A 508 -15.66 17.66 -22.55
CA ASN A 508 -14.49 17.18 -23.30
C ASN A 508 -14.58 15.73 -23.80
N ALA A 509 -15.42 14.93 -23.17
CA ALA A 509 -15.66 13.57 -23.61
C ALA A 509 -17.16 13.32 -23.67
N PRO A 510 -17.87 14.06 -24.54
CA PRO A 510 -19.33 13.98 -24.52
C PRO A 510 -19.88 12.61 -24.90
N LYS A 511 -19.22 11.89 -25.81
CA LYS A 511 -19.74 10.58 -26.21
C LYS A 511 -19.59 9.59 -25.06
N THR A 512 -18.50 9.74 -24.32
CA THR A 512 -18.21 8.87 -23.17
C THR A 512 -19.21 9.16 -22.05
N PHE A 513 -19.44 10.45 -21.80
CA PHE A 513 -20.44 10.89 -20.84
C PHE A 513 -21.79 10.24 -21.13
N GLN A 514 -22.23 10.34 -22.39
CA GLN A 514 -23.50 9.75 -22.80
CA GLN A 514 -23.50 9.75 -22.82
C GLN A 514 -23.51 8.24 -22.65
N PHE A 515 -22.44 7.59 -23.10
CA PHE A 515 -22.32 6.14 -23.04
C PHE A 515 -22.44 5.62 -21.62
N ILE A 516 -21.71 6.25 -20.70
CA ILE A 516 -21.77 5.87 -19.29
C ILE A 516 -23.17 6.07 -18.70
N ASN A 517 -23.81 7.21 -18.97
CA ASN A 517 -25.14 7.43 -18.47
C ASN A 517 -26.12 6.39 -19.04
N ASP A 518 -25.92 6.01 -20.30
CA ASP A 518 -26.78 5.01 -20.92
C ASP A 518 -26.60 3.66 -20.24
N GLN A 519 -25.35 3.30 -19.93
CA GLN A 519 -25.08 2.03 -19.26
C GLN A 519 -25.66 2.02 -17.86
N ILE A 520 -25.60 3.18 -17.19
CA ILE A 520 -26.17 3.30 -15.84
C ILE A 520 -27.67 3.04 -15.87
N LYS A 521 -28.35 3.57 -16.87
CA LYS A 521 -29.77 3.30 -17.02
C LYS A 521 -30.05 1.82 -17.28
N PHE A 522 -29.27 1.21 -18.17
CA PHE A 522 -29.42 -0.22 -18.48
C PHE A 522 -29.29 -1.06 -17.20
N ILE A 523 -28.30 -0.73 -16.37
CA ILE A 523 -28.09 -1.45 -15.13
C ILE A 523 -29.26 -1.29 -14.17
N ILE A 524 -29.67 -0.05 -13.94
CA ILE A 524 -30.72 0.25 -12.97
C ILE A 524 -32.04 -0.42 -13.38
N ASN A 525 -32.24 -0.53 -14.69
CA ASN A 525 -33.45 -1.10 -15.28
C ASN A 525 -33.47 -2.62 -15.47
N SER A 526 -32.36 -3.29 -15.18
CA SER A 526 -32.26 -4.74 -15.38
C SER A 526 -33.10 -5.55 -14.38
ZN ZN B . -8.33 0.96 -13.15
O01 0LX C . -6.21 1.21 -12.59
C02 0LX C . -5.95 0.76 -11.50
N03 0LX C . -6.95 0.10 -10.73
O04 0LX C . -8.14 -0.16 -11.29
C05 0LX C . -4.60 1.00 -10.92
C06 0LX C . -3.54 0.39 -11.75
C07 0LX C . -3.66 -1.14 -11.73
C08 0LX C . -3.38 -1.74 -13.09
C09 0LX C . -3.79 -3.21 -13.20
N10 0LX C . -4.76 -3.42 -14.33
C11 0LX C . -4.76 -4.80 -14.76
C12 0LX C . -5.15 -5.74 -13.70
C13 0LX C . -6.46 -5.81 -13.21
C14 0LX C . -6.81 -6.72 -12.18
C15 0LX C . -5.83 -7.57 -11.67
C16 0LX C . -4.51 -7.53 -12.16
C17 0LX C . -4.18 -6.61 -13.19
F18 0LX C . -6.11 -8.44 -10.71
C19 0LX C . -4.41 2.55 -10.78
C20 0LX C . -5.56 3.20 -10.04
O21 0LX C . -5.58 2.92 -8.69
C22 0LX C . -6.63 3.42 -7.93
C23 0LX C . -5.46 4.70 -10.21
C24 0LX C . -6.47 5.37 -10.88
C25 0LX C . -6.39 6.73 -11.08
C26 0LX C . -5.28 7.45 -10.62
C27 0LX C . -4.26 6.79 -9.93
C28 0LX C . -4.34 5.41 -9.73
F29 0LX C . -5.21 8.76 -10.83
C1 MLI D . 7.65 15.92 25.29
C2 MLI D . 7.21 15.44 26.63
C3 MLI D . 8.06 14.85 24.34
O6 MLI D . 7.26 14.21 26.91
O7 MLI D . 6.81 16.26 27.50
O8 MLI D . 9.28 14.58 24.17
O9 MLI D . 7.16 14.21 23.74
#